data_2QLT
#
_entry.id   2QLT
#
_cell.length_a   39.636
_cell.length_b   55.578
_cell.length_c   97.748
_cell.angle_alpha   90.00
_cell.angle_beta   90.00
_cell.angle_gamma   90.00
#
_symmetry.space_group_name_H-M   'P 21 21 21'
#
loop_
_entity.id
_entity.type
_entity.pdbx_description
1 polymer '(DL)-glycerol-3-phosphatase 1'
2 non-polymer 'MERCURY (II) ION'
3 non-polymer 'CALCIUM ION'
4 non-polymer 'CHLORIDE ION'
5 non-polymer 'SULFATE ION'
6 non-polymer 1,2-ETHANEDIOL
7 water water
#
_entity_poly.entity_id   1
_entity_poly.type   'polypeptide(L)'
_entity_poly.pdbx_seq_one_letter_code
;GHMKRFNVLKYIRTTKANIQTIAMPLTTKPLSLKINAALFDVDGTIIISQPAIAAFWRDFGKDKPYFDAEHVIHISHGWR
TYDAIAKFAPDFADEEYVNKLEGEIPEKYGEHSIEVPGAVKLCNALNALPKEKWAVATSGTRDMAKKWFDILKIKRPEYF
ITANDVKQGKPHPEPYLKGRNGLGFPINEQDPSKSKVVVFEDAPAGIAAGKAAGCKIVGIATTFDLDFLKEKGCDIIVKN
HESIRVGEYNAETDEVELIFDDYLYAKDDLLKWGS
;
_entity_poly.pdbx_strand_id   A
#
# COMPACT_ATOMS: atom_id res chain seq x y z
N ALA A 23 -4.10 -21.76 14.38
CA ALA A 23 -3.15 -22.91 14.31
C ALA A 23 -2.11 -22.74 13.19
N MET A 24 -1.69 -23.84 12.58
CA MET A 24 -0.57 -23.78 11.65
C MET A 24 -0.98 -23.12 10.33
N PRO A 25 -0.04 -22.48 9.64
CA PRO A 25 -0.48 -21.78 8.43
C PRO A 25 -0.94 -22.71 7.29
N LEU A 26 -1.69 -22.15 6.34
CA LEU A 26 -2.00 -22.84 5.12
C LEU A 26 -0.73 -23.14 4.33
N THR A 27 -0.73 -24.20 3.53
CA THR A 27 0.47 -24.64 2.81
C THR A 27 0.23 -24.93 1.33
N THR A 28 -1.02 -25.14 0.94
CA THR A 28 -1.29 -25.57 -0.45
C THR A 28 -1.23 -24.40 -1.42
N LYS A 29 -0.62 -24.66 -2.57
CA LYS A 29 -0.44 -23.64 -3.61
C LYS A 29 -0.89 -24.27 -4.93
N PRO A 30 -1.54 -23.49 -5.78
CA PRO A 30 -1.97 -22.10 -5.54
C PRO A 30 -3.18 -22.02 -4.59
N LEU A 31 -3.42 -20.84 -4.02
CA LEU A 31 -4.66 -20.57 -3.34
C LEU A 31 -5.39 -19.50 -4.10
N SER A 32 -6.70 -19.70 -4.25
CA SER A 32 -7.57 -18.86 -5.07
C SER A 32 -8.59 -18.20 -4.14
N LEU A 33 -8.84 -16.91 -4.32
CA LEU A 33 -9.79 -16.14 -3.51
C LEU A 33 -10.64 -15.24 -4.40
N LYS A 34 -11.97 -15.36 -4.37
CA LYS A 34 -12.84 -14.37 -5.05
C LYS A 34 -12.86 -13.13 -4.17
N ILE A 35 -12.64 -11.99 -4.83
CA ILE A 35 -12.71 -10.68 -4.15
C ILE A 35 -13.57 -9.74 -4.91
N ASN A 36 -14.10 -8.74 -4.20
CA ASN A 36 -14.82 -7.65 -4.84
C ASN A 36 -13.93 -6.49 -5.28
N ALA A 37 -12.87 -6.22 -4.51
CA ALA A 37 -11.96 -5.13 -4.89
C ALA A 37 -10.62 -5.25 -4.22
N ALA A 38 -9.63 -4.56 -4.79
CA ALA A 38 -8.25 -4.59 -4.27
C ALA A 38 -7.74 -3.17 -4.08
N LEU A 39 -7.11 -2.92 -2.94
CA LEU A 39 -6.56 -1.60 -2.62
C LEU A 39 -5.08 -1.74 -2.38
N PHE A 40 -4.31 -0.90 -3.05
CA PHE A 40 -2.85 -0.95 -3.02
C PHE A 40 -2.20 0.27 -2.39
N ASP A 41 -1.30 -0.01 -1.47
CA ASP A 41 -0.33 0.91 -0.98
C ASP A 41 0.67 1.20 -2.15
N VAL A 42 1.48 2.24 -2.03
CA VAL A 42 2.46 2.54 -3.08
C VAL A 42 3.91 2.32 -2.60
N ASP A 43 4.39 3.15 -1.68
CA ASP A 43 5.78 3.00 -1.21
C ASP A 43 6.00 1.69 -0.43
N GLY A 44 6.93 0.87 -0.92
CA GLY A 44 7.21 -0.43 -0.31
C GLY A 44 6.35 -1.55 -0.89
N THR A 45 5.29 -1.19 -1.61
CA THR A 45 4.36 -2.16 -2.13
C THR A 45 4.41 -2.25 -3.64
N ILE A 46 4.37 -1.09 -4.31
CA ILE A 46 4.52 -1.03 -5.76
C ILE A 46 5.97 -0.62 -6.15
N ILE A 47 6.52 0.34 -5.43
CA ILE A 47 7.85 0.86 -5.70
C ILE A 47 8.70 0.84 -4.43
N ILE A 48 9.99 0.55 -4.60
CA ILE A 48 10.92 0.61 -3.45
C ILE A 48 11.48 2.02 -3.40
N SER A 49 10.67 2.90 -2.85
CA SER A 49 11.01 4.34 -2.78
C SER A 49 11.68 4.70 -1.45
N GLN A 50 11.89 3.69 -0.60
CA GLN A 50 12.40 3.97 0.75
C GLN A 50 13.76 4.68 0.75
N PRO A 51 14.69 4.30 -0.15
CA PRO A 51 15.97 5.03 -0.21
C PRO A 51 15.81 6.53 -0.51
N ALA A 52 14.89 6.84 -1.43
CA ALA A 52 14.61 8.22 -1.79
C ALA A 52 14.03 8.99 -0.59
N ILE A 53 13.09 8.35 0.11
CA ILE A 53 12.41 8.94 1.26
C ILE A 53 13.42 9.14 2.41
N ALA A 54 14.28 8.15 2.63
CA ALA A 54 15.32 8.27 3.66
C ALA A 54 16.28 9.43 3.34
N ALA A 55 16.68 9.53 2.07
CA ALA A 55 17.53 10.64 1.64
C ALA A 55 16.85 12.00 1.95
N PHE A 56 15.56 12.11 1.62
CA PHE A 56 14.79 13.31 1.95
C PHE A 56 14.80 13.63 3.46
N TRP A 57 14.59 12.64 4.30
CA TRP A 57 14.55 12.91 5.76
C TRP A 57 15.91 13.35 6.26
N ARG A 58 16.96 12.71 5.76
CA ARG A 58 18.33 13.16 6.14
C ARG A 58 18.59 14.61 5.74
N ASP A 59 18.15 14.97 4.54
CA ASP A 59 18.24 16.37 4.12
C ASP A 59 17.41 17.30 5.00
N PHE A 60 16.17 16.88 5.26
CA PHE A 60 15.23 17.69 6.06
C PHE A 60 15.83 17.99 7.45
N GLY A 61 16.53 17.00 8.00
CA GLY A 61 17.10 17.11 9.33
C GLY A 61 18.41 17.85 9.45
N LYS A 62 19.03 18.21 8.32
CA LYS A 62 20.43 18.66 8.34
C LYS A 62 20.66 19.99 9.05
N ASP A 63 19.57 20.76 9.22
CA ASP A 63 19.64 22.04 9.92
C ASP A 63 18.72 22.10 11.15
N LYS A 64 18.40 20.91 11.68
CA LYS A 64 17.47 20.75 12.79
C LYS A 64 18.09 19.82 13.83
N PRO A 65 18.76 20.40 14.85
CA PRO A 65 19.50 19.58 15.81
C PRO A 65 18.61 18.61 16.57
N TYR A 66 17.35 18.98 16.74
CA TYR A 66 16.39 18.21 17.56
C TYR A 66 15.72 17.09 16.79
N PHE A 67 16.00 17.04 15.50
CA PHE A 67 15.37 16.08 14.58
C PHE A 67 16.30 14.87 14.37
N ASP A 68 15.84 13.69 14.79
CA ASP A 68 16.62 12.45 14.66
C ASP A 68 16.11 11.75 13.40
N ALA A 69 16.75 12.06 12.26
CA ALA A 69 16.28 11.55 10.97
C ALA A 69 16.24 10.03 10.95
N GLU A 70 17.31 9.42 11.48
CA GLU A 70 17.38 7.96 11.59
CA GLU A 70 17.35 7.95 11.53
C GLU A 70 16.10 7.37 12.23
N HIS A 71 15.70 7.95 13.36
CA HIS A 71 14.49 7.51 14.07
C HIS A 71 13.25 7.68 13.22
N VAL A 72 13.14 8.85 12.60
CA VAL A 72 11.94 9.18 11.87
C VAL A 72 11.79 8.28 10.66
N ILE A 73 12.92 8.01 9.99
CA ILE A 73 12.89 7.17 8.79
C ILE A 73 12.26 5.79 9.09
N HIS A 74 12.65 5.24 10.22
CA HIS A 74 12.29 3.89 10.53
C HIS A 74 10.98 3.70 11.28
N ILE A 75 10.44 4.77 11.89
CA ILE A 75 9.15 4.71 12.56
C ILE A 75 7.96 5.15 11.67
N SER A 76 8.25 5.84 10.57
CA SER A 76 7.20 6.54 9.82
C SER A 76 6.87 5.90 8.49
N HIS A 77 7.21 4.63 8.32
CA HIS A 77 6.82 3.95 7.09
C HIS A 77 5.29 3.94 6.98
N GLY A 78 4.78 4.40 5.84
CA GLY A 78 3.33 4.46 5.63
C GLY A 78 2.65 5.70 6.18
N TRP A 79 3.39 6.56 6.87
CA TRP A 79 2.81 7.83 7.36
C TRP A 79 2.83 8.91 6.30
N ARG A 80 1.85 9.79 6.36
CA ARG A 80 1.96 11.04 5.58
C ARG A 80 3.15 11.86 6.07
N THR A 81 3.89 12.45 5.13
CA THR A 81 5.00 13.32 5.51
C THR A 81 4.51 14.44 6.42
N TYR A 82 3.33 15.00 6.13
CA TYR A 82 2.78 16.05 6.99
C TYR A 82 2.67 15.55 8.45
N ASP A 83 2.21 14.31 8.63
CA ASP A 83 2.01 13.77 9.98
C ASP A 83 3.34 13.49 10.69
N ALA A 84 4.34 13.02 9.94
CA ALA A 84 5.67 12.84 10.54
C ALA A 84 6.26 14.18 10.98
N ILE A 85 6.12 15.18 10.14
CA ILE A 85 6.57 16.54 10.49
C ILE A 85 5.78 17.13 11.67
N ALA A 86 4.47 16.93 11.68
CA ALA A 86 3.65 17.44 12.80
C ALA A 86 4.18 16.89 14.12
N LYS A 87 4.59 15.62 14.12
CA LYS A 87 5.13 15.04 15.34
C LYS A 87 6.55 15.51 15.70
N PHE A 88 7.44 15.51 14.71
CA PHE A 88 8.87 15.60 14.97
C PHE A 88 9.50 16.95 14.64
N ALA A 89 8.76 17.79 13.92
CA ALA A 89 9.23 19.15 13.59
C ALA A 89 8.01 20.04 13.29
N PRO A 90 7.13 20.22 14.29
CA PRO A 90 5.83 20.85 13.99
C PRO A 90 5.87 22.28 13.44
N ASP A 91 6.97 23.01 13.61
CA ASP A 91 7.07 24.37 13.05
C ASP A 91 6.89 24.33 11.53
N PHE A 92 7.18 23.16 10.94
CA PHE A 92 7.15 22.98 9.50
C PHE A 92 5.93 22.23 8.97
N ALA A 93 4.96 21.99 9.85
CA ALA A 93 3.76 21.24 9.48
C ALA A 93 2.77 22.19 8.78
N ASP A 94 3.01 22.37 7.47
CA ASP A 94 2.25 23.27 6.62
C ASP A 94 2.02 22.52 5.32
N GLU A 95 0.77 22.33 4.96
CA GLU A 95 0.43 21.41 3.84
C GLU A 95 1.11 21.82 2.51
N GLU A 96 1.07 23.10 2.16
CA GLU A 96 1.67 23.55 0.90
C GLU A 96 3.19 23.33 0.92
N TYR A 97 3.80 23.59 2.07
CA TYR A 97 5.24 23.45 2.19
C TYR A 97 5.61 21.98 2.04
N VAL A 98 4.84 21.10 2.69
CA VAL A 98 5.11 19.67 2.60
C VAL A 98 4.92 19.19 1.15
N ASN A 99 3.87 19.66 0.48
CA ASN A 99 3.63 19.32 -0.94
C ASN A 99 4.84 19.71 -1.78
N LYS A 100 5.40 20.90 -1.51
CA LYS A 100 6.55 21.35 -2.27
C LYS A 100 7.73 20.43 -2.04
N LEU A 101 8.02 20.16 -0.77
CA LEU A 101 9.15 19.28 -0.42
C LEU A 101 9.02 17.89 -1.01
N GLU A 102 7.83 17.30 -0.89
CA GLU A 102 7.63 15.93 -1.42
C GLU A 102 7.69 15.85 -2.92
N GLY A 103 7.15 16.84 -3.63
CA GLY A 103 7.20 16.84 -5.10
C GLY A 103 8.58 16.80 -5.72
N GLU A 104 9.57 17.27 -4.96
CA GLU A 104 10.98 17.28 -5.37
C GLU A 104 11.64 15.90 -5.20
N ILE A 105 11.07 15.05 -4.37
CA ILE A 105 11.76 13.77 -3.99
C ILE A 105 12.07 12.85 -5.19
N PRO A 106 11.08 12.56 -6.05
CA PRO A 106 11.40 11.63 -7.14
C PRO A 106 12.59 12.04 -8.02
N GLU A 107 12.64 13.30 -8.44
CA GLU A 107 13.75 13.75 -9.27
C GLU A 107 15.06 13.82 -8.50
N LYS A 108 15.04 14.39 -7.30
CA LYS A 108 16.30 14.58 -6.56
C LYS A 108 16.90 13.24 -6.09
N TYR A 109 16.05 12.35 -5.57
CA TYR A 109 16.56 11.19 -4.80
C TYR A 109 16.03 9.85 -5.28
N GLY A 110 15.09 9.87 -6.22
CA GLY A 110 14.35 8.63 -6.52
C GLY A 110 14.34 8.08 -7.94
N GLU A 111 15.20 8.57 -8.83
CA GLU A 111 15.21 8.13 -10.24
CA GLU A 111 15.15 8.11 -10.22
C GLU A 111 15.68 6.68 -10.40
N HIS A 112 16.39 6.16 -9.39
CA HIS A 112 16.85 4.78 -9.35
CA HIS A 112 16.76 4.72 -9.47
C HIS A 112 15.91 3.83 -8.58
N SER A 113 14.75 4.33 -8.18
CA SER A 113 13.80 3.52 -7.43
C SER A 113 13.28 2.38 -8.31
N ILE A 114 13.29 1.18 -7.77
CA ILE A 114 12.90 -0.02 -8.53
C ILE A 114 11.50 -0.53 -8.14
N GLU A 115 10.87 -1.24 -9.06
CA GLU A 115 9.61 -1.87 -8.78
C GLU A 115 9.82 -2.96 -7.75
N VAL A 116 8.83 -3.12 -6.87
CA VAL A 116 8.73 -4.38 -6.14
C VAL A 116 8.52 -5.45 -7.25
N PRO A 117 9.33 -6.49 -7.29
CA PRO A 117 9.24 -7.44 -8.40
C PRO A 117 7.80 -7.91 -8.60
N GLY A 118 7.34 -7.88 -9.85
CA GLY A 118 5.97 -8.28 -10.14
C GLY A 118 4.94 -7.16 -10.13
N ALA A 119 5.33 -5.98 -9.62
CA ALA A 119 4.36 -4.87 -9.42
C ALA A 119 3.86 -4.33 -10.74
N VAL A 120 4.77 -4.14 -11.67
CA VAL A 120 4.43 -3.64 -13.01
C VAL A 120 3.45 -4.62 -13.66
N LYS A 121 3.76 -5.92 -13.59
CA LYS A 121 2.92 -6.94 -14.20
C LYS A 121 1.51 -6.96 -13.56
N LEU A 122 1.47 -6.87 -12.23
CA LEU A 122 0.21 -6.95 -11.53
C LEU A 122 -0.65 -5.71 -11.83
N CYS A 123 -0.02 -4.53 -11.84
CA CYS A 123 -0.74 -3.32 -12.20
C CYS A 123 -1.31 -3.44 -13.62
N ASN A 124 -0.53 -3.98 -14.55
CA ASN A 124 -1.06 -4.16 -15.93
C ASN A 124 -2.27 -5.11 -15.92
N ALA A 125 -2.19 -6.18 -15.13
CA ALA A 125 -3.28 -7.15 -15.08
C ALA A 125 -4.54 -6.55 -14.48
N LEU A 126 -4.35 -5.67 -13.51
CA LEU A 126 -5.45 -4.92 -12.93
C LEU A 126 -6.11 -3.94 -13.92
N ASN A 127 -5.29 -3.35 -14.80
CA ASN A 127 -5.74 -2.40 -15.85
CA ASN A 127 -5.84 -2.39 -15.76
C ASN A 127 -6.67 -3.08 -16.84
N ALA A 128 -6.54 -4.40 -16.96
CA ALA A 128 -7.36 -5.16 -17.90
C ALA A 128 -8.76 -5.44 -17.34
N LEU A 129 -8.90 -5.25 -16.03
CA LEU A 129 -10.18 -5.41 -15.34
C LEU A 129 -10.96 -4.09 -15.42
N PRO A 130 -12.24 -4.11 -15.02
CA PRO A 130 -12.93 -2.80 -14.93
C PRO A 130 -12.22 -1.87 -13.95
N LYS A 131 -12.11 -0.56 -14.23
CA LYS A 131 -11.31 0.29 -13.32
C LYS A 131 -11.89 0.36 -11.89
N GLU A 132 -13.16 0.03 -11.77
CA GLU A 132 -13.81 0.05 -10.46
C GLU A 132 -13.41 -1.14 -9.56
N LYS A 133 -12.53 -2.03 -10.05
CA LYS A 133 -12.13 -3.19 -9.22
C LYS A 133 -10.92 -2.93 -8.35
N TRP A 134 -10.27 -1.79 -8.55
CA TRP A 134 -9.06 -1.53 -7.73
C TRP A 134 -8.75 -0.07 -7.59
N ALA A 135 -7.96 0.21 -6.57
CA ALA A 135 -7.58 1.59 -6.28
C ALA A 135 -6.26 1.61 -5.58
N VAL A 136 -5.61 2.77 -5.65
CA VAL A 136 -4.42 3.02 -4.86
C VAL A 136 -4.77 3.95 -3.70
N ALA A 137 -4.23 3.66 -2.51
CA ALA A 137 -4.41 4.55 -1.38
C ALA A 137 -3.05 4.71 -0.73
N THR A 138 -2.42 5.87 -0.95
CA THR A 138 -1.06 6.09 -0.47
C THR A 138 -1.02 7.27 0.49
N SER A 139 -0.10 7.22 1.45
CA SER A 139 0.20 8.38 2.26
C SER A 139 1.08 9.41 1.55
N GLY A 140 1.65 9.07 0.40
CA GLY A 140 2.39 10.05 -0.40
C GLY A 140 1.43 11.14 -0.92
N THR A 141 1.95 12.36 -1.12
CA THR A 141 1.18 13.41 -1.84
C THR A 141 1.07 13.04 -3.32
N ARG A 142 0.09 13.62 -3.98
CA ARG A 142 -0.17 13.31 -5.37
C ARG A 142 1.04 13.57 -6.28
N ASP A 143 1.74 14.70 -6.06
CA ASP A 143 2.85 15.04 -6.95
C ASP A 143 4.02 14.06 -6.82
N MET A 144 4.24 13.52 -5.62
CA MET A 144 5.24 12.46 -5.46
C MET A 144 4.76 11.14 -6.03
N ALA A 145 3.59 10.69 -5.62
CA ALA A 145 3.13 9.37 -6.01
C ALA A 145 2.95 9.22 -7.54
N LYS A 146 2.45 10.26 -8.20
CA LYS A 146 2.25 10.19 -9.66
C LYS A 146 3.59 9.94 -10.37
N LYS A 147 4.68 10.50 -9.81
CA LYS A 147 6.00 10.38 -10.42
C LYS A 147 6.56 8.98 -10.24
N TRP A 148 6.16 8.32 -9.14
CA TRP A 148 6.57 6.93 -8.92
C TRP A 148 6.02 6.03 -10.03
N PHE A 149 4.75 6.26 -10.42
CA PHE A 149 4.18 5.49 -11.50
C PHE A 149 4.94 5.77 -12.79
N ASP A 150 5.22 7.04 -13.05
CA ASP A 150 6.00 7.40 -14.25
C ASP A 150 7.40 6.74 -14.28
N ILE A 151 8.06 6.70 -13.11
CA ILE A 151 9.42 6.12 -12.98
C ILE A 151 9.43 4.61 -13.25
N LEU A 152 8.28 3.95 -13.03
CA LEU A 152 8.16 2.51 -13.29
C LEU A 152 7.49 2.23 -14.61
N LYS A 153 7.09 3.28 -15.35
CA LYS A 153 6.33 3.12 -16.60
C LYS A 153 5.06 2.32 -16.39
N ILE A 154 4.34 2.65 -15.31
CA ILE A 154 3.03 2.10 -15.02
C ILE A 154 2.02 3.21 -15.21
N LYS A 155 0.89 2.89 -15.84
CA LYS A 155 -0.20 3.84 -16.00
C LYS A 155 -0.60 4.35 -14.60
N ARG A 156 -0.81 5.67 -14.46
CA ARG A 156 -1.30 6.23 -13.19
C ARG A 156 -2.70 5.66 -12.89
N PRO A 157 -2.93 5.20 -11.65
CA PRO A 157 -4.23 4.58 -11.33
C PRO A 157 -5.42 5.55 -11.43
N GLU A 158 -6.57 5.07 -11.89
CA GLU A 158 -7.75 5.93 -12.04
C GLU A 158 -8.39 6.33 -10.69
N TYR A 159 -8.42 5.37 -9.76
CA TYR A 159 -8.90 5.62 -8.41
C TYR A 159 -7.62 5.73 -7.60
N PHE A 160 -7.34 6.94 -7.17
CA PHE A 160 -5.98 7.28 -6.67
C PHE A 160 -6.11 8.22 -5.46
N ILE A 161 -6.01 7.62 -4.27
CA ILE A 161 -6.15 8.36 -3.00
C ILE A 161 -4.76 8.65 -2.47
N THR A 162 -4.57 9.93 -2.15
CA THR A 162 -3.26 10.42 -1.71
C THR A 162 -3.36 11.18 -0.39
N ALA A 163 -2.21 11.68 0.08
CA ALA A 163 -2.13 12.31 1.40
C ALA A 163 -3.23 13.36 1.66
N ASN A 164 -3.48 14.24 0.72
CA ASN A 164 -4.36 15.35 1.00
C ASN A 164 -5.81 15.10 0.63
N ASP A 165 -6.11 13.84 0.29
CA ASP A 165 -7.48 13.46 0.00
C ASP A 165 -8.22 12.96 1.24
N VAL A 166 -7.49 12.86 2.36
CA VAL A 166 -8.08 12.35 3.59
C VAL A 166 -7.83 13.35 4.72
N LYS A 167 -8.70 13.33 5.72
CA LYS A 167 -8.47 14.10 6.92
C LYS A 167 -7.49 13.35 7.84
N GLN A 168 -7.66 12.03 7.97
CA GLN A 168 -6.81 11.20 8.86
C GLN A 168 -5.98 10.28 7.97
N GLY A 169 -4.69 10.20 8.22
CA GLY A 169 -3.84 9.29 7.45
C GLY A 169 -3.59 7.99 8.16
N LYS A 170 -3.01 7.03 7.44
CA LYS A 170 -2.59 5.77 8.06
C LYS A 170 -1.76 6.11 9.32
N PRO A 171 -1.91 5.34 10.42
CA PRO A 171 -2.67 4.07 10.60
C PRO A 171 -4.17 4.20 10.82
N HIS A 172 -4.76 5.40 10.73
CA HIS A 172 -6.23 5.46 10.74
C HIS A 172 -6.78 4.85 9.44
N PRO A 173 -7.92 4.14 9.53
CA PRO A 173 -8.52 3.48 8.33
C PRO A 173 -9.04 4.38 7.23
N GLU A 174 -9.15 5.68 7.47
CA GLU A 174 -9.82 6.58 6.47
C GLU A 174 -9.41 6.37 4.99
N PRO A 175 -8.10 6.33 4.67
CA PRO A 175 -7.75 6.13 3.23
C PRO A 175 -8.33 4.86 2.63
N TYR A 176 -8.31 3.77 3.39
CA TYR A 176 -8.86 2.51 2.92
C TYR A 176 -10.39 2.44 2.97
N LEU A 177 -11.01 3.12 3.94
CA LEU A 177 -12.47 3.24 3.96
C LEU A 177 -12.91 4.03 2.71
N LYS A 178 -12.22 5.13 2.45
CA LYS A 178 -12.52 5.98 1.29
C LYS A 178 -12.40 5.16 -0.02
N GLY A 179 -11.35 4.35 -0.10
CA GLY A 179 -11.16 3.48 -1.25
C GLY A 179 -12.28 2.45 -1.41
N ARG A 180 -12.56 1.67 -0.36
CA ARG A 180 -13.58 0.61 -0.51
C ARG A 180 -14.95 1.21 -0.77
N ASN A 181 -15.27 2.31 -0.08
CA ASN A 181 -16.54 2.97 -0.31
C ASN A 181 -16.64 3.49 -1.74
N GLY A 182 -15.57 4.13 -2.26
CA GLY A 182 -15.54 4.67 -3.63
C GLY A 182 -15.70 3.64 -4.73
N LEU A 183 -15.23 2.42 -4.43
CA LEU A 183 -15.37 1.28 -5.37
C LEU A 183 -16.71 0.57 -5.26
N GLY A 184 -17.55 1.01 -4.33
CA GLY A 184 -18.89 0.43 -4.16
C GLY A 184 -19.00 -0.76 -3.24
N PHE A 185 -18.01 -0.90 -2.36
CA PHE A 185 -17.99 -2.03 -1.43
C PHE A 185 -17.74 -1.57 0.00
N PRO A 186 -18.71 -0.84 0.58
CA PRO A 186 -18.58 -0.52 2.00
C PRO A 186 -18.63 -1.82 2.83
N ILE A 187 -18.09 -1.76 4.06
CA ILE A 187 -18.07 -2.89 4.96
C ILE A 187 -19.49 -3.42 5.15
N ASN A 188 -19.65 -4.73 5.08
CA ASN A 188 -20.89 -5.34 5.48
C ASN A 188 -20.58 -6.07 6.79
N GLU A 189 -20.94 -5.46 7.92
CA GLU A 189 -20.56 -6.02 9.23
C GLU A 189 -21.26 -7.35 9.47
N GLN A 190 -22.51 -7.45 9.03
CA GLN A 190 -23.33 -8.63 9.27
C GLN A 190 -22.88 -9.81 8.42
N ASP A 191 -22.51 -9.53 7.17
CA ASP A 191 -22.03 -10.57 6.24
C ASP A 191 -20.83 -10.10 5.43
N PRO A 192 -19.63 -10.19 6.03
CA PRO A 192 -18.45 -9.64 5.41
C PRO A 192 -18.09 -10.34 4.09
N SER A 193 -18.63 -11.54 3.86
CA SER A 193 -18.40 -12.22 2.60
C SER A 193 -19.15 -11.59 1.43
N LYS A 194 -20.03 -10.63 1.71
CA LYS A 194 -20.73 -9.92 0.64
C LYS A 194 -19.97 -8.71 0.15
N SER A 195 -18.93 -8.33 0.88
CA SER A 195 -18.18 -7.15 0.52
C SER A 195 -16.70 -7.41 0.82
N LYS A 196 -16.03 -7.97 -0.18
CA LYS A 196 -14.72 -8.60 0.03
C LYS A 196 -13.62 -7.72 -0.55
N VAL A 197 -12.85 -7.08 0.32
CA VAL A 197 -11.80 -6.16 -0.15
C VAL A 197 -10.45 -6.56 0.50
N VAL A 198 -9.44 -6.66 -0.35
CA VAL A 198 -8.08 -6.97 0.08
CA VAL A 198 -8.09 -6.98 0.02
C VAL A 198 -7.21 -5.72 -0.08
N VAL A 199 -6.35 -5.52 0.91
CA VAL A 199 -5.33 -4.46 0.96
C VAL A 199 -3.95 -5.09 0.81
N PHE A 200 -3.11 -4.50 -0.04
CA PHE A 200 -1.70 -4.89 -0.19
C PHE A 200 -0.84 -3.82 0.47
N GLU A 201 0.00 -4.25 1.43
CA GLU A 201 0.73 -3.32 2.30
C GLU A 201 2.07 -3.89 2.73
N ASP A 202 3.02 -2.99 2.95
CA ASP A 202 4.34 -3.34 3.49
C ASP A 202 4.55 -2.91 4.94
N ALA A 203 3.76 -1.95 5.43
CA ALA A 203 4.14 -1.23 6.67
C ALA A 203 3.12 -1.46 7.77
N PRO A 204 3.57 -1.58 9.04
CA PRO A 204 2.62 -1.70 10.15
C PRO A 204 1.48 -0.66 10.13
N ALA A 205 1.81 0.59 9.82
CA ALA A 205 0.79 1.63 9.81
C ALA A 205 -0.31 1.28 8.80
N GLY A 206 0.10 0.76 7.65
CA GLY A 206 -0.85 0.44 6.57
C GLY A 206 -1.64 -0.80 6.88
N ILE A 207 -0.98 -1.76 7.54
CA ILE A 207 -1.66 -3.03 7.86
C ILE A 207 -2.75 -2.71 8.89
N ALA A 208 -2.41 -1.91 9.91
CA ALA A 208 -3.39 -1.51 10.91
C ALA A 208 -4.54 -0.75 10.28
N ALA A 209 -4.21 0.16 9.37
CA ALA A 209 -5.27 0.93 8.71
C ALA A 209 -6.19 0.03 7.91
N GLY A 210 -5.61 -0.87 7.14
CA GLY A 210 -6.36 -1.83 6.33
C GLY A 210 -7.25 -2.72 7.17
N LYS A 211 -6.71 -3.23 8.28
CA LYS A 211 -7.51 -4.09 9.17
C LYS A 211 -8.68 -3.36 9.78
N ALA A 212 -8.42 -2.11 10.19
CA ALA A 212 -9.46 -1.26 10.77
C ALA A 212 -10.52 -0.84 9.77
N ALA A 213 -10.18 -0.89 8.48
CA ALA A 213 -11.16 -0.73 7.41
C ALA A 213 -11.83 -2.04 6.98
N GLY A 214 -11.70 -3.10 7.77
CA GLY A 214 -12.40 -4.36 7.53
C GLY A 214 -11.88 -5.14 6.33
N CYS A 215 -10.62 -4.93 5.96
CA CYS A 215 -10.04 -5.56 4.76
C CYS A 215 -9.24 -6.78 5.16
N LYS A 216 -9.09 -7.69 4.20
CA LYS A 216 -8.14 -8.79 4.28
C LYS A 216 -6.79 -8.23 3.84
N ILE A 217 -5.71 -8.63 4.50
CA ILE A 217 -4.42 -8.00 4.28
C ILE A 217 -3.35 -8.92 3.70
N VAL A 218 -2.76 -8.47 2.59
CA VAL A 218 -1.60 -9.13 1.98
C VAL A 218 -0.38 -8.30 2.37
N GLY A 219 0.46 -8.88 3.22
CA GLY A 219 1.72 -8.22 3.65
C GLY A 219 2.79 -8.53 2.60
N ILE A 220 3.52 -7.50 2.18
CA ILE A 220 4.63 -7.65 1.24
C ILE A 220 5.94 -7.51 2.02
N ALA A 221 6.78 -8.54 1.99
CA ALA A 221 8.00 -8.61 2.82
C ALA A 221 9.18 -7.89 2.15
N THR A 222 8.96 -6.62 1.87
CA THR A 222 10.00 -5.75 1.31
C THR A 222 10.70 -4.97 2.43
N THR A 223 9.98 -3.97 2.95
CA THR A 223 10.52 -3.10 4.00
C THR A 223 10.89 -3.90 5.23
N PHE A 224 10.04 -4.84 5.58
CA PHE A 224 10.26 -5.71 6.72
C PHE A 224 10.32 -7.14 6.25
N ASP A 225 10.91 -7.99 7.08
CA ASP A 225 11.00 -9.39 6.73
C ASP A 225 9.84 -10.23 7.30
N LEU A 226 9.82 -11.51 6.92
CA LEU A 226 8.78 -12.45 7.32
C LEU A 226 8.65 -12.55 8.83
N ASP A 227 9.79 -12.68 9.51
CA ASP A 227 9.80 -12.82 10.96
C ASP A 227 9.09 -11.64 11.61
N PHE A 228 9.28 -10.43 11.08
CA PHE A 228 8.66 -9.24 11.64
C PHE A 228 7.14 -9.23 11.33
N LEU A 229 6.79 -9.51 10.08
CA LEU A 229 5.41 -9.40 9.61
C LEU A 229 4.52 -10.50 10.19
N LYS A 230 5.13 -11.61 10.60
CA LYS A 230 4.36 -12.68 11.25
C LYS A 230 3.78 -12.19 12.58
N GLU A 231 4.32 -11.09 13.11
CA GLU A 231 3.78 -10.53 14.37
C GLU A 231 2.73 -9.45 14.15
N LYS A 232 2.36 -9.25 12.89
CA LYS A 232 1.45 -8.13 12.51
C LYS A 232 0.15 -8.71 11.97
N GLY A 233 -0.84 -7.84 11.71
CA GLY A 233 -2.16 -8.34 11.37
C GLY A 233 -2.38 -8.76 9.93
N CYS A 234 -1.31 -8.98 9.18
CA CYS A 234 -1.53 -9.41 7.79
C CYS A 234 -2.07 -10.85 7.77
N ASP A 235 -2.87 -11.18 6.76
CA ASP A 235 -3.50 -12.49 6.66
C ASP A 235 -2.68 -13.46 5.80
N ILE A 236 -1.87 -12.88 4.93
CA ILE A 236 -0.98 -13.69 4.07
C ILE A 236 0.22 -12.81 3.81
N ILE A 237 1.41 -13.40 3.76
CA ILE A 237 2.66 -12.67 3.55
C ILE A 237 3.34 -13.24 2.32
N VAL A 238 3.70 -12.33 1.41
CA VAL A 238 4.41 -12.73 0.18
C VAL A 238 5.73 -12.00 0.09
N LYS A 239 6.68 -12.61 -0.61
CA LYS A 239 7.97 -11.98 -0.86
CA LYS A 239 7.98 -11.98 -0.87
C LYS A 239 7.84 -10.74 -1.75
N ASN A 240 6.99 -10.85 -2.79
CA ASN A 240 6.77 -9.78 -3.77
C ASN A 240 5.58 -10.21 -4.64
N HIS A 241 5.30 -9.45 -5.68
CA HIS A 241 4.11 -9.72 -6.48
C HIS A 241 4.26 -10.79 -7.54
N GLU A 242 5.46 -11.37 -7.69
CA GLU A 242 5.60 -12.49 -8.60
C GLU A 242 4.82 -13.69 -8.05
N SER A 243 4.40 -13.60 -6.79
CA SER A 243 3.54 -14.60 -6.15
C SER A 243 2.06 -14.46 -6.52
N ILE A 244 1.69 -13.40 -7.24
CA ILE A 244 0.28 -12.98 -7.30
C ILE A 244 -0.19 -12.78 -8.73
N ARG A 245 -1.36 -13.35 -9.05
CA ARG A 245 -2.00 -13.13 -10.34
C ARG A 245 -3.48 -12.78 -10.15
N VAL A 246 -4.07 -12.17 -11.17
CA VAL A 246 -5.50 -11.97 -11.16
CA VAL A 246 -5.52 -11.97 -11.16
C VAL A 246 -6.15 -12.73 -12.31
N GLY A 247 -7.35 -13.25 -12.07
CA GLY A 247 -8.17 -13.96 -13.08
C GLY A 247 -9.17 -13.05 -13.75
N GLU A 248 -10.28 -13.64 -14.19
CA GLU A 248 -11.31 -12.97 -14.99
C GLU A 248 -12.40 -12.32 -14.15
N TYR A 249 -12.79 -11.12 -14.54
CA TYR A 249 -13.92 -10.43 -13.94
C TYR A 249 -15.21 -11.21 -14.22
N ASN A 250 -16.04 -11.32 -13.19
CA ASN A 250 -17.34 -11.95 -13.30
C ASN A 250 -18.41 -10.90 -13.03
N ALA A 251 -19.07 -10.46 -14.10
CA ALA A 251 -20.10 -9.44 -14.01
C ALA A 251 -21.26 -9.81 -13.09
N GLU A 252 -21.61 -11.10 -13.02
CA GLU A 252 -22.73 -11.56 -12.20
C GLU A 252 -22.53 -11.30 -10.71
N THR A 253 -21.35 -11.68 -10.22
CA THR A 253 -21.02 -11.56 -8.82
C THR A 253 -20.22 -10.32 -8.52
N ASP A 254 -19.85 -9.56 -9.56
CA ASP A 254 -18.99 -8.38 -9.44
C ASP A 254 -17.72 -8.76 -8.68
N GLU A 255 -17.15 -9.91 -9.03
CA GLU A 255 -15.93 -10.39 -8.38
C GLU A 255 -14.79 -10.60 -9.38
N VAL A 256 -13.58 -10.71 -8.84
CA VAL A 256 -12.45 -11.19 -9.61
CA VAL A 256 -12.35 -11.05 -9.56
C VAL A 256 -11.68 -12.20 -8.79
N GLU A 257 -11.09 -13.16 -9.49
CA GLU A 257 -10.31 -14.19 -8.85
C GLU A 257 -8.89 -13.71 -8.58
N LEU A 258 -8.52 -13.66 -7.30
CA LEU A 258 -7.15 -13.40 -6.90
C LEU A 258 -6.40 -14.72 -6.68
N ILE A 259 -5.24 -14.90 -7.31
CA ILE A 259 -4.50 -16.17 -7.20
C ILE A 259 -3.13 -15.93 -6.56
N PHE A 260 -2.84 -16.72 -5.52
CA PHE A 260 -1.51 -16.72 -4.91
C PHE A 260 -0.82 -17.98 -5.36
N ASP A 261 0.11 -17.83 -6.30
CA ASP A 261 0.88 -18.95 -6.80
C ASP A 261 1.85 -19.42 -5.73
N ASP A 262 2.25 -18.48 -4.86
CA ASP A 262 3.21 -18.80 -3.81
C ASP A 262 2.96 -17.81 -2.67
N TYR A 263 3.51 -18.12 -1.50
CA TYR A 263 3.44 -17.19 -0.37
C TYR A 263 4.42 -17.73 0.68
N LEU A 264 4.78 -16.85 1.60
CA LEU A 264 5.68 -17.17 2.69
C LEU A 264 4.95 -17.72 3.90
N TYR A 265 3.73 -17.23 4.10
CA TYR A 265 2.94 -17.57 5.27
C TYR A 265 1.49 -17.18 4.95
N ALA A 266 0.54 -18.00 5.33
CA ALA A 266 -0.86 -17.67 5.22
C ALA A 266 -1.60 -18.13 6.46
N LYS A 267 -2.40 -17.26 7.06
CA LYS A 267 -3.15 -17.62 8.27
C LYS A 267 -4.21 -18.67 7.93
N ASP A 268 -4.53 -19.50 8.93
CA ASP A 268 -5.43 -20.65 8.73
C ASP A 268 -6.81 -20.23 8.25
N ASP A 269 -7.23 -19.00 8.61
CA ASP A 269 -8.52 -18.46 8.21
C ASP A 269 -8.46 -17.48 7.04
N LEU A 270 -7.35 -17.45 6.30
CA LEU A 270 -7.19 -16.51 5.16
C LEU A 270 -8.41 -16.49 4.24
N LEU A 271 -8.93 -17.66 3.91
CA LEU A 271 -9.98 -17.76 2.87
C LEU A 271 -11.39 -17.44 3.37
N LYS A 272 -11.51 -17.05 4.65
CA LYS A 272 -12.79 -16.76 5.27
C LYS A 272 -12.92 -15.27 5.52
N TRP A 273 -14.13 -14.74 5.35
CA TRP A 273 -14.30 -13.30 5.54
C TRP A 273 -14.94 -12.95 6.90
#